data_4Q3I
#
_entry.id   4Q3I
#
_cell.length_a   67.881
_cell.length_b   50.646
_cell.length_c   83.161
_cell.angle_alpha   90.00
_cell.angle_beta   113.25
_cell.angle_gamma   90.00
#
_symmetry.space_group_name_H-M   'P 1 21 1'
#
loop_
_entity.id
_entity.type
_entity.pdbx_description
1 polymer 'OsSERK2 D128N'
2 non-polymer 2-acetamido-2-deoxy-beta-D-glucopyranose
3 water water
#
_entity_poly.entity_id   1
_entity_poly.type   'polypeptide(L)'
_entity_poly.pdbx_seq_one_letter_code
;ADLNTEGDALYSLRQSLKDANNVLQSWDPTLVNPCTWFHVTCNPDNSVIRVDLGNAQLSGALVPQLGQLKNLQYLELYSN
NISGTIPNELGNLTNLVSLNLYLNNFTGFIPETLGQLYKLRFLRLNNNSLSGSIPKSLTNITTLQELALDTNQLKSVPDG
IFDRLTSLQKIWLHTNPWDCSCPRIDYLSRWLNKNSQKEQGSAKCSGSGKPVRSIICPTSASLVPRGSWSHPQFEKGSHH
HHHH
;
_entity_poly.pdbx_strand_id   A,B
#
loop_
_chem_comp.id
_chem_comp.type
_chem_comp.name
_chem_comp.formula
NAG D-saccharide, beta linking 2-acetamido-2-deoxy-beta-D-glucopyranose 'C8 H15 N O6'
#
# COMPACT_ATOMS: atom_id res chain seq x y z
N ASP A 2 -33.45 -1.38 -3.26
CA ASP A 2 -32.47 -0.49 -3.87
C ASP A 2 -31.33 -0.19 -2.89
N LEU A 3 -30.12 -0.52 -3.31
CA LEU A 3 -28.93 -0.29 -2.49
C LEU A 3 -28.53 1.18 -2.55
N ASN A 4 -28.19 1.74 -1.39
CA ASN A 4 -28.01 3.18 -1.25
C ASN A 4 -26.66 3.70 -1.75
N THR A 5 -25.71 2.80 -1.95
CA THR A 5 -24.34 3.11 -2.42
C THR A 5 -23.50 3.87 -1.38
N GLU A 6 -24.09 4.87 -0.73
CA GLU A 6 -23.40 5.57 0.34
C GLU A 6 -23.28 4.67 1.58
N GLY A 7 -24.38 4.00 1.91
CA GLY A 7 -24.38 3.06 3.01
C GLY A 7 -23.52 1.86 2.69
N ASP A 8 -23.51 1.46 1.42
CA ASP A 8 -22.67 0.37 0.95
C ASP A 8 -21.20 0.70 1.16
N ALA A 9 -20.81 1.90 0.77
CA ALA A 9 -19.45 2.37 0.96
C ALA A 9 -19.12 2.48 2.44
N LEU A 10 -20.11 2.91 3.22
CA LEU A 10 -19.93 3.08 4.65
C LEU A 10 -19.92 1.74 5.37
N TYR A 11 -20.61 0.76 4.79
CA TYR A 11 -20.63 -0.60 5.34
C TYR A 11 -19.29 -1.29 5.10
N SER A 12 -18.61 -0.90 4.01
CA SER A 12 -17.29 -1.45 3.71
C SER A 12 -16.30 -1.03 4.80
N LEU A 13 -16.55 0.12 5.40
CA LEU A 13 -15.72 0.61 6.50
C LEU A 13 -15.99 -0.20 7.76
N ARG A 14 -17.25 -0.53 7.99
CA ARG A 14 -17.64 -1.33 9.14
C ARG A 14 -17.05 -2.74 9.08
N GLN A 15 -16.98 -3.27 7.88
CA GLN A 15 -16.47 -4.63 7.67
C GLN A 15 -14.99 -4.77 8.02
N SER A 16 -14.27 -3.65 8.00
CA SER A 16 -12.82 -3.68 8.22
C SER A 16 -12.44 -3.21 9.63
N LEU A 17 -13.30 -2.40 10.24
CA LEU A 17 -12.99 -1.84 11.56
C LEU A 17 -13.34 -2.80 12.69
N LYS A 18 -12.95 -2.45 13.91
CA LYS A 18 -13.12 -3.33 15.06
C LYS A 18 -13.81 -2.65 16.25
N ASP A 19 -15.09 -2.97 16.45
CA ASP A 19 -15.81 -2.60 17.66
C ASP A 19 -16.50 -3.87 18.19
N ALA A 20 -16.18 -4.42 19.38
CA ALA A 20 -15.40 -3.91 20.54
C ALA A 20 -16.18 -2.89 21.36
N ASN A 21 -17.21 -2.30 20.75
CA ASN A 21 -18.18 -1.48 21.49
C ASN A 21 -19.51 -1.43 20.74
N ASN A 22 -19.54 -2.07 19.57
CA ASN A 22 -20.72 -2.09 18.72
C ASN A 22 -21.24 -0.68 18.42
N VAL A 23 -20.30 0.25 18.24
CA VAL A 23 -20.62 1.63 17.89
C VAL A 23 -21.33 1.68 16.54
N LEU A 24 -20.99 0.74 15.67
CA LEU A 24 -21.54 0.69 14.32
C LEU A 24 -22.64 -0.35 14.20
N GLN A 25 -23.30 -0.66 15.31
CA GLN A 25 -24.38 -1.65 15.31
C GLN A 25 -25.57 -1.17 14.49
N SER A 26 -25.79 0.13 14.48
CA SER A 26 -26.93 0.72 13.76
C SER A 26 -26.64 0.82 12.27
N TRP A 27 -25.38 0.62 11.89
CA TRP A 27 -24.98 0.72 10.50
C TRP A 27 -25.49 -0.47 9.69
N ASP A 28 -26.77 -0.42 9.34
CA ASP A 28 -27.42 -1.47 8.57
C ASP A 28 -27.65 -1.00 7.14
N PRO A 29 -26.90 -1.55 6.18
CA PRO A 29 -26.92 -1.12 4.79
C PRO A 29 -28.15 -1.58 4.03
N THR A 30 -28.98 -2.40 4.67
CA THR A 30 -30.19 -2.90 4.04
C THR A 30 -31.33 -1.88 4.17
N LEU A 31 -31.05 -0.79 4.85
CA LEU A 31 -32.00 0.32 4.96
C LEU A 31 -31.96 1.16 3.70
N VAL A 32 -32.99 1.96 3.48
CA VAL A 32 -33.10 2.78 2.27
C VAL A 32 -31.96 3.80 2.22
N ASN A 33 -31.53 4.28 3.39
CA ASN A 33 -30.41 5.21 3.49
C ASN A 33 -29.77 5.15 4.86
N PRO A 34 -28.49 5.56 4.96
CA PRO A 34 -27.78 5.55 6.25
C PRO A 34 -28.03 6.80 7.08
N CYS A 35 -29.09 7.54 6.78
CA CYS A 35 -29.34 8.81 7.46
C CYS A 35 -29.92 8.63 8.86
N THR A 36 -30.39 7.42 9.16
CA THR A 36 -30.90 7.12 10.49
C THR A 36 -29.84 6.44 11.34
N TRP A 37 -28.68 6.18 10.73
CA TRP A 37 -27.56 5.58 11.45
C TRP A 37 -27.04 6.56 12.50
N PHE A 38 -26.63 6.02 13.64
CA PHE A 38 -25.98 6.84 14.65
C PHE A 38 -24.61 7.26 14.13
N HIS A 39 -24.10 8.38 14.66
CA HIS A 39 -22.80 8.92 14.27
C HIS A 39 -22.74 9.30 12.79
N VAL A 40 -23.92 9.44 12.17
CA VAL A 40 -24.01 9.79 10.76
C VAL A 40 -25.11 10.83 10.53
N THR A 41 -24.74 11.95 9.91
CA THR A 41 -25.70 13.01 9.60
C THR A 41 -25.87 13.15 8.09
N CYS A 42 -27.13 13.33 7.66
CA CYS A 42 -27.42 13.51 6.24
C CYS A 42 -28.05 14.87 5.96
N ASN A 43 -27.92 15.34 4.73
CA ASN A 43 -28.56 16.57 4.30
C ASN A 43 -30.04 16.32 4.00
N PRO A 44 -30.83 17.38 3.79
CA PRO A 44 -32.24 17.18 3.43
C PRO A 44 -32.46 16.36 2.16
N ASP A 45 -31.42 16.18 1.36
CA ASP A 45 -31.50 15.31 0.18
C ASP A 45 -31.15 13.87 0.54
N ASN A 46 -31.11 13.59 1.83
CA ASN A 46 -30.77 12.26 2.36
C ASN A 46 -29.43 11.74 1.85
N SER A 47 -28.42 12.60 1.92
CA SER A 47 -27.06 12.22 1.56
C SER A 47 -26.10 12.56 2.70
N VAL A 48 -25.24 11.61 3.06
CA VAL A 48 -24.31 11.77 4.17
C VAL A 48 -23.39 12.96 3.99
N ILE A 49 -23.40 13.88 4.96
CA ILE A 49 -22.55 15.06 4.88
C ILE A 49 -21.48 15.06 5.97
N ARG A 50 -21.61 14.18 6.96
CA ARG A 50 -20.57 14.05 7.98
C ARG A 50 -20.60 12.69 8.67
N VAL A 51 -19.43 12.24 9.12
CA VAL A 51 -19.29 11.01 9.88
C VAL A 51 -18.51 11.28 11.16
N ASP A 52 -19.19 11.18 12.30
CA ASP A 52 -18.57 11.48 13.59
C ASP A 52 -18.29 10.21 14.39
N LEU A 53 -17.09 9.67 14.23
CA LEU A 53 -16.69 8.47 14.96
C LEU A 53 -15.53 8.76 15.91
N GLY A 54 -15.51 9.97 16.46
CA GLY A 54 -14.49 10.36 17.42
C GLY A 54 -14.64 9.65 18.74
N ASN A 55 -13.52 9.15 19.27
CA ASN A 55 -13.51 8.42 20.54
C ASN A 55 -14.49 7.25 20.55
N ALA A 56 -14.32 6.31 19.62
CA ALA A 56 -15.20 5.16 19.53
C ALA A 56 -14.42 3.87 19.74
N GLN A 57 -13.14 4.01 20.04
CA GLN A 57 -12.24 2.86 20.25
C GLN A 57 -12.26 1.92 19.05
N LEU A 58 -12.01 2.48 17.86
CA LEU A 58 -12.05 1.70 16.63
C LEU A 58 -10.65 1.28 16.19
N SER A 59 -10.49 0.02 15.87
CA SER A 59 -9.22 -0.50 15.35
C SER A 59 -9.40 -0.94 13.90
N GLY A 60 -8.30 -1.29 13.25
CA GLY A 60 -8.33 -1.68 11.86
C GLY A 60 -7.88 -0.57 10.94
N ALA A 61 -8.05 -0.77 9.63
CA ALA A 61 -7.65 0.24 8.65
C ALA A 61 -8.84 0.81 7.91
N LEU A 62 -8.65 1.99 7.32
CA LEU A 62 -9.67 2.62 6.49
C LEU A 62 -9.82 1.89 5.16
N VAL A 63 -10.90 2.19 4.45
CA VAL A 63 -11.17 1.54 3.18
C VAL A 63 -11.23 2.53 2.03
N PRO A 64 -10.86 2.08 0.81
CA PRO A 64 -10.91 2.95 -0.36
C PRO A 64 -12.34 3.31 -0.77
N GLN A 65 -13.32 2.54 -0.31
CA GLN A 65 -14.72 2.82 -0.63
C GLN A 65 -15.21 4.08 0.07
N LEU A 66 -14.46 4.56 1.05
CA LEU A 66 -14.85 5.73 1.83
C LEU A 66 -14.85 7.00 0.98
N GLY A 67 -14.22 6.94 -0.19
CA GLY A 67 -14.17 8.07 -1.09
C GLY A 67 -15.38 8.16 -2.02
N GLN A 68 -16.37 7.31 -1.76
CA GLN A 68 -17.59 7.30 -2.56
C GLN A 68 -18.59 8.35 -2.08
N LEU A 69 -18.40 8.81 -0.85
CA LEU A 69 -19.30 9.80 -0.26
C LEU A 69 -19.07 11.17 -0.89
N LYS A 70 -19.84 11.47 -1.93
CA LYS A 70 -19.65 12.68 -2.71
C LYS A 70 -19.93 13.96 -1.92
N ASN A 71 -20.94 13.92 -1.06
CA ASN A 71 -21.39 15.10 -0.34
C ASN A 71 -20.85 15.16 1.09
N LEU A 72 -19.82 14.39 1.38
CA LEU A 72 -19.22 14.36 2.71
C LEU A 72 -18.50 15.67 2.99
N GLN A 73 -18.78 16.27 4.15
CA GLN A 73 -18.18 17.55 4.51
C GLN A 73 -17.27 17.43 5.73
N TYR A 74 -17.64 16.58 6.67
CA TYR A 74 -16.87 16.42 7.90
C TYR A 74 -16.57 14.95 8.18
N LEU A 75 -15.30 14.58 8.10
CA LEU A 75 -14.88 13.21 8.41
C LEU A 75 -14.17 13.18 9.75
N GLU A 76 -14.92 12.86 10.80
CA GLU A 76 -14.37 12.80 12.15
C GLU A 76 -14.03 11.37 12.56
N LEU A 77 -12.76 11.02 12.47
CA LEU A 77 -12.31 9.69 12.85
C LEU A 77 -11.23 9.77 13.91
N TYR A 78 -11.18 10.89 14.61
CA TYR A 78 -10.14 11.14 15.60
C TYR A 78 -10.31 10.30 16.86
N SER A 79 -9.23 10.21 17.64
CA SER A 79 -9.22 9.48 18.90
C SER A 79 -9.64 8.01 18.74
N ASN A 80 -8.91 7.30 17.88
CA ASN A 80 -9.12 5.86 17.72
C ASN A 80 -7.79 5.14 17.53
N ASN A 81 -7.87 3.86 17.19
CA ASN A 81 -6.66 3.07 16.94
C ASN A 81 -6.60 2.64 15.48
N ILE A 82 -7.08 3.50 14.59
CA ILE A 82 -7.08 3.21 13.17
C ILE A 82 -5.67 3.18 12.61
N SER A 83 -5.29 2.06 12.02
CA SER A 83 -3.94 1.87 11.51
C SER A 83 -3.92 1.83 9.98
N GLY A 84 -2.75 1.53 9.41
CA GLY A 84 -2.59 1.49 7.98
C GLY A 84 -2.31 2.87 7.41
N THR A 85 -2.31 2.98 6.09
CA THR A 85 -2.06 4.25 5.42
C THR A 85 -3.36 4.97 5.10
N ILE A 86 -3.30 6.28 4.98
CA ILE A 86 -4.46 7.07 4.59
C ILE A 86 -4.77 6.83 3.12
N PRO A 87 -5.98 6.34 2.82
CA PRO A 87 -6.39 6.04 1.45
C PRO A 87 -6.31 7.24 0.53
N ASN A 88 -5.74 7.06 -0.65
CA ASN A 88 -5.66 8.14 -1.64
C ASN A 88 -7.04 8.51 -2.17
N GLU A 89 -8.00 7.61 -1.96
CA GLU A 89 -9.37 7.84 -2.41
C GLU A 89 -10.07 8.92 -1.59
N LEU A 90 -9.46 9.29 -0.47
CA LEU A 90 -9.98 10.38 0.35
C LEU A 90 -9.87 11.72 -0.37
N GLY A 91 -9.05 11.74 -1.42
CA GLY A 91 -8.91 12.93 -2.25
C GLY A 91 -10.09 13.11 -3.19
N ASN A 92 -10.98 12.12 -3.20
CA ASN A 92 -12.19 12.19 -4.01
C ASN A 92 -13.31 12.94 -3.28
N LEU A 93 -13.18 13.05 -1.97
CA LEU A 93 -14.14 13.78 -1.15
C LEU A 93 -14.11 15.28 -1.47
N THR A 94 -14.59 15.62 -2.66
CA THR A 94 -14.57 16.99 -3.16
C THR A 94 -15.14 18.03 -2.18
N ASN A 95 -16.27 17.70 -1.57
CA ASN A 95 -16.95 18.64 -0.68
C ASN A 95 -16.49 18.54 0.78
N LEU A 96 -15.33 17.95 1.00
CA LEU A 96 -14.81 17.80 2.36
C LEU A 96 -14.29 19.14 2.89
N VAL A 97 -14.80 19.54 4.05
CA VAL A 97 -14.40 20.80 4.66
C VAL A 97 -13.42 20.56 5.80
N SER A 98 -13.68 19.51 6.58
CA SER A 98 -12.83 19.19 7.73
C SER A 98 -12.47 17.71 7.75
N LEU A 99 -11.17 17.43 7.69
CA LEU A 99 -10.67 16.07 7.77
C LEU A 99 -9.95 15.85 9.11
N ASN A 100 -10.64 15.22 10.05
CA ASN A 100 -10.06 14.96 11.37
C ASN A 100 -9.63 13.51 11.53
N LEU A 101 -8.31 13.28 11.51
CA LEU A 101 -7.77 11.94 11.63
C LEU A 101 -6.73 11.85 12.74
N TYR A 102 -6.72 12.84 13.62
CA TYR A 102 -5.70 12.90 14.67
C TYR A 102 -5.92 11.86 15.75
N LEU A 103 -4.86 11.57 16.50
CA LEU A 103 -4.86 10.52 17.53
C LEU A 103 -5.28 9.17 16.98
N ASN A 104 -4.49 8.66 16.04
CA ASN A 104 -4.64 7.31 15.53
C ASN A 104 -3.27 6.67 15.38
N ASN A 105 -3.18 5.65 14.53
CA ASN A 105 -1.90 4.99 14.29
C ASN A 105 -1.60 4.90 12.80
N PHE A 106 -1.93 5.95 12.07
CA PHE A 106 -1.68 6.02 10.64
C PHE A 106 -0.18 6.03 10.34
N THR A 107 0.22 5.24 9.35
CA THR A 107 1.61 5.22 8.91
C THR A 107 1.70 5.52 7.42
N GLY A 108 2.92 5.60 6.92
CA GLY A 108 3.14 5.90 5.51
C GLY A 108 3.16 7.39 5.23
N PHE A 109 3.12 7.74 3.95
CA PHE A 109 3.15 9.13 3.54
C PHE A 109 1.75 9.74 3.55
N ILE A 110 1.69 11.08 3.59
CA ILE A 110 0.44 11.78 3.42
C ILE A 110 0.09 11.78 1.93
N PRO A 111 -1.15 11.37 1.60
CA PRO A 111 -1.61 11.28 0.21
C PRO A 111 -1.48 12.60 -0.55
N GLU A 112 -0.93 12.54 -1.76
CA GLU A 112 -0.83 13.72 -2.61
C GLU A 112 -2.20 14.11 -3.14
N THR A 113 -3.12 13.16 -3.12
CA THR A 113 -4.48 13.38 -3.60
C THR A 113 -5.26 14.31 -2.67
N LEU A 114 -4.72 14.55 -1.48
CA LEU A 114 -5.34 15.44 -0.51
C LEU A 114 -5.40 16.87 -1.04
N GLY A 115 -4.52 17.19 -1.98
CA GLY A 115 -4.48 18.51 -2.59
C GLY A 115 -5.66 18.76 -3.51
N GLN A 116 -6.44 17.72 -3.78
CA GLN A 116 -7.62 17.82 -4.62
C GLN A 116 -8.82 18.31 -3.81
N LEU A 117 -8.64 18.41 -2.50
CA LEU A 117 -9.69 18.91 -1.62
C LEU A 117 -9.67 20.43 -1.58
N TYR A 118 -10.32 21.06 -2.56
CA TYR A 118 -10.24 22.50 -2.72
C TYR A 118 -11.24 23.25 -1.82
N LYS A 119 -12.00 22.50 -1.04
CA LYS A 119 -12.92 23.10 -0.08
C LYS A 119 -12.46 22.86 1.35
N LEU A 120 -11.35 22.12 1.48
CA LEU A 120 -10.82 21.75 2.78
C LEU A 120 -10.31 22.98 3.53
N ARG A 121 -10.86 23.20 4.72
CA ARG A 121 -10.46 24.34 5.55
C ARG A 121 -9.72 23.88 6.79
N PHE A 122 -9.98 22.64 7.21
CA PHE A 122 -9.38 22.10 8.42
C PHE A 122 -8.83 20.70 8.19
N LEU A 123 -7.52 20.55 8.31
CA LEU A 123 -6.85 19.27 8.11
C LEU A 123 -6.00 18.91 9.32
N ARG A 124 -6.41 17.88 10.04
CA ARG A 124 -5.69 17.45 11.24
C ARG A 124 -5.26 16.00 11.14
N LEU A 125 -3.95 15.80 10.96
CA LEU A 125 -3.39 14.46 10.86
C LEU A 125 -2.39 14.23 11.99
N ASN A 126 -2.47 15.09 13.00
CA ASN A 126 -1.50 15.08 14.09
C ASN A 126 -1.63 13.85 14.98
N ASN A 127 -0.62 13.63 15.83
CA ASN A 127 -0.56 12.46 16.71
C ASN A 127 -0.71 11.14 15.97
N ASN A 128 0.11 10.96 14.94
CA ASN A 128 0.16 9.70 14.20
C ASN A 128 1.59 9.27 13.98
N SER A 129 1.83 8.50 12.92
CA SER A 129 3.18 8.03 12.61
C SER A 129 3.49 8.26 11.13
N LEU A 130 2.93 9.34 10.58
CA LEU A 130 3.15 9.68 9.18
C LEU A 130 4.59 10.12 8.95
N SER A 131 5.24 9.51 7.96
CA SER A 131 6.62 9.86 7.63
C SER A 131 6.66 10.95 6.56
N GLY A 132 7.75 11.71 6.55
CA GLY A 132 7.91 12.81 5.61
C GLY A 132 7.92 12.36 4.17
N SER A 133 7.64 13.29 3.25
CA SER A 133 7.40 14.69 3.61
C SER A 133 5.99 15.13 3.23
N ILE A 134 5.69 16.40 3.52
CA ILE A 134 4.39 16.98 3.20
C ILE A 134 4.19 17.08 1.69
N PRO A 135 3.05 16.57 1.19
CA PRO A 135 2.72 16.57 -0.24
C PRO A 135 2.83 17.94 -0.88
N LYS A 136 3.30 17.97 -2.13
CA LYS A 136 3.45 19.23 -2.85
C LYS A 136 2.10 19.79 -3.27
N SER A 137 1.11 18.91 -3.39
CA SER A 137 -0.22 19.31 -3.87
C SER A 137 -1.03 20.08 -2.83
N LEU A 138 -0.53 20.13 -1.60
CA LEU A 138 -1.22 20.86 -0.53
C LEU A 138 -1.30 22.35 -0.82
N THR A 139 -0.43 22.83 -1.71
CA THR A 139 -0.40 24.24 -2.07
C THR A 139 -1.67 24.66 -2.82
N ASN A 140 -2.41 23.67 -3.31
CA ASN A 140 -3.64 23.95 -4.05
C ASN A 140 -4.85 24.11 -3.14
N ILE A 141 -4.70 23.73 -1.88
CA ILE A 141 -5.77 23.91 -0.90
C ILE A 141 -5.73 25.34 -0.36
N THR A 142 -6.27 26.27 -1.15
CA THR A 142 -6.22 27.68 -0.81
C THR A 142 -7.15 28.05 0.33
N THR A 143 -8.12 27.19 0.60
CA THR A 143 -9.09 27.44 1.66
C THR A 143 -8.64 26.89 3.01
N LEU A 144 -7.45 26.31 3.04
CA LEU A 144 -6.92 25.71 4.26
C LEU A 144 -6.65 26.76 5.33
N GLN A 145 -7.32 26.62 6.47
CA GLN A 145 -7.17 27.58 7.57
C GLN A 145 -6.39 26.99 8.74
N GLU A 146 -6.72 25.75 9.11
CA GLU A 146 -6.04 25.07 10.20
C GLU A 146 -5.36 23.79 9.74
N LEU A 147 -4.05 23.73 9.91
CA LEU A 147 -3.26 22.58 9.47
C LEU A 147 -2.48 21.97 10.63
N ALA A 148 -3.00 20.87 11.16
CA ALA A 148 -2.36 20.19 12.28
C ALA A 148 -1.62 18.94 11.82
N LEU A 149 -0.29 18.99 11.87
CA LEU A 149 0.55 17.87 11.43
C LEU A 149 1.59 17.50 12.48
N ASP A 150 1.39 17.97 13.71
CA ASP A 150 2.35 17.74 14.78
C ASP A 150 2.36 16.28 15.23
N THR A 151 3.38 15.92 16.00
CA THR A 151 3.52 14.57 16.55
C THR A 151 3.44 13.50 15.46
N ASN A 152 4.36 13.58 14.51
CA ASN A 152 4.49 12.56 13.46
C ASN A 152 5.95 12.23 13.21
N GLN A 153 6.24 11.76 12.01
CA GLN A 153 7.61 11.45 11.62
C GLN A 153 8.01 12.22 10.36
N LEU A 154 7.43 13.41 10.20
CA LEU A 154 7.71 14.25 9.04
C LEU A 154 9.13 14.78 9.11
N LYS A 155 9.80 14.87 7.95
CA LYS A 155 11.20 15.24 7.92
C LYS A 155 11.46 16.56 7.18
N SER A 156 10.72 16.81 6.10
CA SER A 156 10.98 17.98 5.28
C SER A 156 9.74 18.61 4.68
N VAL A 157 9.95 19.64 3.88
CA VAL A 157 8.89 20.41 3.25
C VAL A 157 9.32 20.91 1.87
N PRO A 158 8.48 20.70 0.85
CA PRO A 158 8.77 21.22 -0.49
C PRO A 158 8.76 22.76 -0.50
N ASP A 159 9.77 23.34 -1.13
CA ASP A 159 9.94 24.80 -1.13
C ASP A 159 8.73 25.54 -1.72
N GLY A 160 8.24 26.52 -0.97
CA GLY A 160 7.17 27.37 -1.43
C GLY A 160 5.77 26.76 -1.34
N ILE A 161 5.62 25.75 -0.49
CA ILE A 161 4.34 25.04 -0.39
C ILE A 161 3.28 25.87 0.33
N PHE A 162 3.71 26.69 1.28
CA PHE A 162 2.78 27.47 2.09
C PHE A 162 2.44 28.81 1.46
N ASP A 163 3.07 29.12 0.34
CA ASP A 163 2.95 30.44 -0.28
C ASP A 163 1.56 30.71 -0.86
N ARG A 164 0.93 29.69 -1.42
CA ARG A 164 -0.40 29.85 -2.00
C ARG A 164 -1.50 29.64 -0.96
N LEU A 165 -1.10 29.40 0.28
CA LEU A 165 -2.04 29.22 1.38
C LEU A 165 -2.30 30.56 2.06
N THR A 166 -3.09 31.40 1.41
CA THR A 166 -3.34 32.76 1.90
C THR A 166 -4.43 32.81 2.96
N SER A 167 -5.06 31.66 3.22
CA SER A 167 -6.13 31.60 4.23
C SER A 167 -5.66 30.85 5.47
N LEU A 168 -4.39 30.49 5.50
CA LEU A 168 -3.82 29.73 6.61
C LEU A 168 -3.75 30.57 7.88
N GLN A 169 -4.42 30.09 8.94
CA GLN A 169 -4.43 30.78 10.22
C GLN A 169 -3.52 30.09 11.22
N LYS A 170 -3.86 28.86 11.57
CA LYS A 170 -3.10 28.08 12.52
C LYS A 170 -2.36 26.93 11.84
N ILE A 171 -1.16 26.63 12.30
CA ILE A 171 -0.43 25.48 11.79
C ILE A 171 0.40 24.80 12.88
N TRP A 172 0.22 23.49 13.01
CA TRP A 172 0.95 22.70 13.99
C TRP A 172 2.02 21.86 13.30
N LEU A 173 3.28 22.05 13.67
CA LEU A 173 4.38 21.32 13.06
C LEU A 173 5.35 20.72 14.08
N HIS A 174 5.11 20.99 15.35
CA HIS A 174 6.02 20.55 16.41
C HIS A 174 6.06 19.03 16.54
N THR A 175 7.01 18.53 17.33
CA THR A 175 7.21 17.10 17.56
C THR A 175 7.35 16.34 16.24
N ASN A 176 8.35 16.74 15.46
CA ASN A 176 8.66 16.06 14.21
C ASN A 176 10.17 16.08 13.94
N PRO A 177 10.71 14.94 13.48
CA PRO A 177 12.15 14.84 13.16
C PRO A 177 12.50 15.65 11.91
N TRP A 178 12.42 16.97 12.00
CA TRP A 178 12.72 17.84 10.89
C TRP A 178 14.21 17.83 10.55
N ASP A 179 14.50 17.68 9.25
CA ASP A 179 15.88 17.73 8.78
C ASP A 179 16.32 19.19 8.67
N CYS A 180 17.11 19.65 9.64
CA CYS A 180 17.53 21.05 9.68
C CYS A 180 18.89 21.24 9.02
N SER A 181 19.19 20.43 8.01
CA SER A 181 20.41 20.58 7.24
C SER A 181 20.20 21.62 6.14
N CYS A 182 21.09 22.61 6.08
CA CYS A 182 21.04 23.61 5.03
C CYS A 182 21.60 23.03 3.73
N PRO A 183 21.07 23.49 2.58
CA PRO A 183 20.04 24.51 2.43
C PRO A 183 18.62 23.95 2.35
N ARG A 184 18.44 22.71 2.80
CA ARG A 184 17.14 22.05 2.71
C ARG A 184 16.10 22.71 3.62
N ILE A 185 16.51 23.09 4.82
CA ILE A 185 15.61 23.64 5.82
C ILE A 185 15.41 25.15 5.64
N ASP A 186 16.05 25.71 4.61
CA ASP A 186 16.03 27.16 4.37
C ASP A 186 14.62 27.75 4.30
N TYR A 187 13.78 27.21 3.43
CA TYR A 187 12.44 27.75 3.23
C TYR A 187 11.57 27.66 4.47
N LEU A 188 11.54 26.48 5.08
CA LEU A 188 10.69 26.25 6.25
C LEU A 188 11.15 27.11 7.43
N SER A 189 12.46 27.28 7.58
CA SER A 189 13.01 28.10 8.64
C SER A 189 12.59 29.56 8.50
N ARG A 190 12.68 30.08 7.28
CA ARG A 190 12.32 31.47 7.02
C ARG A 190 10.81 31.69 7.08
N TRP A 191 10.03 30.73 6.58
CA TRP A 191 8.58 30.86 6.57
C TRP A 191 8.02 30.86 7.99
N LEU A 192 8.50 29.94 8.81
CA LEU A 192 8.05 29.82 10.19
C LEU A 192 8.43 31.06 11.00
N ASN A 193 9.53 31.71 10.61
CA ASN A 193 9.94 32.95 11.26
C ASN A 193 9.07 34.11 10.79
N LYS A 194 8.73 34.16 9.51
CA LYS A 194 7.87 35.21 8.97
C LYS A 194 6.42 35.03 9.42
N ASN A 195 6.01 33.78 9.61
CA ASN A 195 4.65 33.47 10.05
C ASN A 195 4.64 32.81 11.43
N SER A 196 5.33 33.42 12.38
CA SER A 196 5.44 32.88 13.74
C SER A 196 4.12 32.95 14.48
N GLN A 197 3.22 33.82 14.03
CA GLN A 197 1.90 33.94 14.65
C GLN A 197 1.00 32.80 14.22
N LYS A 198 1.36 32.15 13.11
CA LYS A 198 0.59 31.04 12.59
C LYS A 198 0.97 29.73 13.25
N GLU A 199 2.26 29.55 13.51
CA GLU A 199 2.76 28.29 14.08
C GLU A 199 2.31 28.12 15.52
N GLN A 200 1.60 27.02 15.77
CA GLN A 200 1.19 26.67 17.12
C GLN A 200 2.21 25.69 17.71
N GLY A 201 2.87 26.11 18.79
CA GLY A 201 3.96 25.35 19.35
C GLY A 201 5.24 25.64 18.59
N SER A 202 6.32 24.95 18.95
CA SER A 202 7.60 25.17 18.30
C SER A 202 8.12 23.91 17.62
N ALA A 203 8.33 23.99 16.30
CA ALA A 203 8.93 22.89 15.57
C ALA A 203 10.42 22.81 15.91
N LYS A 204 10.88 21.63 16.30
CA LYS A 204 12.27 21.44 16.68
C LYS A 204 13.06 20.74 15.58
N CYS A 205 14.37 21.03 15.52
CA CYS A 205 15.26 20.35 14.59
C CYS A 205 15.66 19.00 15.15
N SER A 206 15.78 18.00 14.27
CA SER A 206 16.22 16.67 14.70
C SER A 206 17.67 16.73 15.17
N GLY A 207 17.93 16.11 16.31
CA GLY A 207 19.27 16.09 16.87
C GLY A 207 19.55 17.27 17.77
N SER A 208 19.78 18.44 17.18
CA SER A 208 20.12 19.63 17.94
C SER A 208 18.99 20.09 18.86
N GLY A 209 17.76 19.79 18.46
CA GLY A 209 16.60 20.18 19.25
C GLY A 209 16.30 21.66 19.17
N LYS A 210 16.98 22.35 18.24
CA LYS A 210 16.76 23.77 18.03
C LYS A 210 15.44 24.02 17.31
N PRO A 211 14.79 25.15 17.63
CA PRO A 211 13.63 25.57 16.84
C PRO A 211 14.06 25.88 15.41
N VAL A 212 13.38 25.31 14.42
CA VAL A 212 13.81 25.49 13.03
C VAL A 212 13.69 26.95 12.59
N ARG A 213 12.83 27.70 13.26
CA ARG A 213 12.68 29.12 12.98
C ARG A 213 13.96 29.90 13.29
N SER A 214 14.85 29.29 14.08
CA SER A 214 16.10 29.94 14.46
C SER A 214 17.21 29.67 13.46
N ILE A 215 17.04 28.61 12.68
CA ILE A 215 18.06 28.21 11.71
C ILE A 215 18.23 29.25 10.61
N ILE A 216 19.47 29.67 10.38
CA ILE A 216 19.80 30.59 9.31
C ILE A 216 20.81 29.95 8.36
N CYS A 217 20.33 29.51 7.20
CA CYS A 217 21.18 28.86 6.22
C CYS A 217 22.05 29.87 5.48
N PRO A 218 23.39 29.73 5.61
CA PRO A 218 24.31 30.58 4.86
C PRO A 218 24.40 30.13 3.40
N THR A 219 24.74 31.05 2.50
CA THR A 219 24.88 30.71 1.10
C THR A 219 26.25 30.11 0.82
N SER A 220 27.23 30.96 0.58
CA SER A 220 28.60 30.52 0.33
C SER A 220 29.59 31.66 0.52
N LEU B 3 12.00 8.93 -26.92
CA LEU B 3 12.18 8.30 -25.61
C LEU B 3 11.54 6.92 -25.57
N ASN B 4 12.34 5.91 -25.24
CA ASN B 4 11.85 4.54 -25.17
C ASN B 4 10.95 4.32 -23.95
N THR B 5 9.74 3.84 -24.19
CA THR B 5 8.77 3.62 -23.12
C THR B 5 9.22 2.50 -22.19
N GLU B 6 9.74 1.43 -22.77
CA GLU B 6 10.22 0.31 -21.97
C GLU B 6 11.48 0.69 -21.20
N GLY B 7 12.30 1.53 -21.80
CA GLY B 7 13.49 2.05 -21.15
C GLY B 7 13.10 2.99 -20.02
N ASP B 8 12.05 3.77 -20.24
CA ASP B 8 11.54 4.68 -19.23
C ASP B 8 10.98 3.90 -18.04
N ALA B 9 10.16 2.90 -18.33
CA ALA B 9 9.57 2.08 -17.29
C ALA B 9 10.63 1.35 -16.49
N LEU B 10 11.67 0.88 -17.18
CA LEU B 10 12.76 0.16 -16.53
C LEU B 10 13.62 1.10 -15.71
N TYR B 11 13.73 2.34 -16.16
CA TYR B 11 14.52 3.35 -15.44
C TYR B 11 13.84 3.75 -14.15
N SER B 12 12.51 3.61 -14.11
CA SER B 12 11.75 3.89 -12.90
C SER B 12 12.13 2.93 -11.78
N LEU B 13 12.49 1.71 -12.16
CA LEU B 13 12.91 0.70 -11.20
C LEU B 13 14.29 1.03 -10.64
N ARG B 14 15.17 1.50 -11.51
CA ARG B 14 16.53 1.87 -11.11
C ARG B 14 16.51 3.04 -10.12
N GLN B 15 15.58 3.95 -10.31
CA GLN B 15 15.45 5.13 -9.45
C GLN B 15 15.05 4.76 -8.03
N SER B 16 14.45 3.58 -7.85
CA SER B 16 13.94 3.17 -6.56
C SER B 16 14.84 2.13 -5.87
N LEU B 17 15.54 1.33 -6.67
CA LEU B 17 16.41 0.28 -6.13
C LEU B 17 17.76 0.83 -5.70
N LYS B 18 18.53 0.02 -4.99
CA LYS B 18 19.86 0.44 -4.53
C LYS B 18 20.97 -0.53 -4.93
N ASP B 19 21.91 -0.02 -5.72
CA ASP B 19 23.15 -0.71 -6.04
C ASP B 19 24.26 0.35 -6.00
N ALA B 20 25.24 0.34 -5.08
CA ALA B 20 25.73 -0.69 -4.13
C ALA B 20 26.63 -1.70 -4.84
N ASN B 21 26.41 -1.90 -6.14
CA ASN B 21 27.33 -2.67 -6.97
C ASN B 21 27.34 -2.14 -8.40
N ASN B 22 26.55 -1.10 -8.63
CA ASN B 22 26.42 -0.47 -9.94
C ASN B 22 26.03 -1.49 -11.02
N VAL B 23 25.18 -2.44 -10.64
CA VAL B 23 24.66 -3.44 -11.56
C VAL B 23 23.85 -2.77 -12.67
N LEU B 24 23.18 -1.68 -12.32
CA LEU B 24 22.30 -0.99 -13.26
C LEU B 24 22.94 0.27 -13.84
N GLN B 25 24.28 0.29 -13.86
CA GLN B 25 25.01 1.43 -14.40
C GLN B 25 24.75 1.61 -15.90
N SER B 26 24.59 0.49 -16.60
CA SER B 26 24.39 0.51 -18.04
C SER B 26 22.94 0.85 -18.41
N TRP B 27 22.06 0.92 -17.42
CA TRP B 27 20.67 1.23 -17.67
C TRP B 27 20.49 2.72 -17.98
N ASP B 28 20.86 3.09 -19.20
CA ASP B 28 20.77 4.46 -19.67
C ASP B 28 19.53 4.65 -20.56
N PRO B 29 18.51 5.34 -20.03
CA PRO B 29 17.23 5.53 -20.72
C PRO B 29 17.31 6.52 -21.88
N THR B 30 18.44 7.22 -22.00
CA THR B 30 18.62 8.19 -23.07
C THR B 30 19.04 7.51 -24.36
N LEU B 31 19.18 6.19 -24.32
CA LEU B 31 19.48 5.42 -25.51
C LEU B 31 18.21 5.18 -26.32
N VAL B 32 18.38 4.71 -27.55
CA VAL B 32 17.25 4.44 -28.44
C VAL B 32 16.35 3.34 -27.85
N ASN B 33 16.98 2.33 -27.26
CA ASN B 33 16.27 1.23 -26.63
C ASN B 33 17.13 0.56 -25.57
N PRO B 34 16.49 -0.08 -24.57
CA PRO B 34 17.23 -0.74 -23.50
C PRO B 34 17.79 -2.12 -23.86
N CYS B 35 17.78 -2.45 -25.15
CA CYS B 35 18.22 -3.77 -25.59
C CYS B 35 19.72 -3.96 -25.44
N THR B 36 20.46 -2.87 -25.41
CA THR B 36 21.92 -2.93 -25.26
C THR B 36 22.32 -2.91 -23.79
N TRP B 37 21.34 -2.74 -22.90
CA TRP B 37 21.58 -2.78 -21.48
C TRP B 37 22.01 -4.18 -21.06
N PHE B 38 22.80 -4.26 -19.98
CA PHE B 38 23.11 -5.54 -19.37
C PHE B 38 21.88 -6.03 -18.62
N HIS B 39 21.80 -7.34 -18.40
CA HIS B 39 20.70 -7.97 -17.67
C HIS B 39 19.35 -7.73 -18.34
N VAL B 40 19.38 -7.37 -19.62
CA VAL B 40 18.16 -7.10 -20.38
C VAL B 40 18.24 -7.72 -21.77
N THR B 41 17.25 -8.53 -22.12
CA THR B 41 17.18 -9.14 -23.44
C THR B 41 15.97 -8.63 -24.21
N CYS B 42 16.14 -8.41 -25.50
CA CYS B 42 15.04 -7.95 -26.35
C CYS B 42 14.77 -8.91 -27.50
N ASN B 43 13.53 -8.94 -27.96
CA ASN B 43 13.17 -9.73 -29.13
C ASN B 43 13.73 -9.07 -30.40
N PRO B 44 13.68 -9.78 -31.55
CA PRO B 44 14.15 -9.15 -32.79
C PRO B 44 13.42 -7.84 -33.15
N ASP B 45 12.27 -7.60 -32.54
CA ASP B 45 11.56 -6.34 -32.74
C ASP B 45 12.00 -5.30 -31.71
N ASN B 46 13.12 -5.56 -31.04
CA ASN B 46 13.69 -4.67 -30.04
C ASN B 46 12.72 -4.33 -28.91
N SER B 47 12.09 -5.35 -28.34
CA SER B 47 11.21 -5.17 -27.19
C SER B 47 11.64 -6.10 -26.06
N VAL B 48 11.72 -5.55 -24.84
CA VAL B 48 12.20 -6.30 -23.68
C VAL B 48 11.35 -7.54 -23.41
N ILE B 49 11.99 -8.71 -23.43
CA ILE B 49 11.29 -9.97 -23.20
C ILE B 49 11.73 -10.66 -21.91
N ARG B 50 12.81 -10.17 -21.30
CA ARG B 50 13.23 -10.70 -20.01
C ARG B 50 14.15 -9.74 -19.26
N VAL B 51 14.11 -9.83 -17.93
CA VAL B 51 14.98 -9.04 -17.06
C VAL B 51 15.62 -9.96 -16.02
N ASP B 52 16.93 -10.17 -16.14
CA ASP B 52 17.65 -11.06 -15.25
C ASP B 52 18.52 -10.32 -14.25
N LEU B 53 17.97 -10.07 -13.06
CA LEU B 53 18.70 -9.38 -12.01
C LEU B 53 18.89 -10.25 -10.78
N GLY B 54 19.10 -11.54 -11.00
CA GLY B 54 19.32 -12.48 -9.92
C GLY B 54 20.68 -12.30 -9.27
N ASN B 55 20.69 -12.32 -7.94
CA ASN B 55 21.91 -12.14 -7.15
C ASN B 55 22.67 -10.87 -7.49
N ALA B 56 21.97 -9.75 -7.49
CA ALA B 56 22.58 -8.47 -7.80
C ALA B 56 22.73 -7.60 -6.55
N GLN B 57 22.34 -8.15 -5.40
CA GLN B 57 22.38 -7.46 -4.12
C GLN B 57 21.61 -6.15 -4.18
N LEU B 58 20.43 -6.19 -4.79
CA LEU B 58 19.59 -5.00 -4.92
C LEU B 58 18.69 -4.82 -3.70
N SER B 59 18.57 -3.57 -3.25
CA SER B 59 17.65 -3.24 -2.16
C SER B 59 16.56 -2.32 -2.67
N GLY B 60 15.70 -1.86 -1.78
CA GLY B 60 14.60 -0.98 -2.15
C GLY B 60 13.34 -1.75 -2.47
N ALA B 61 12.39 -1.08 -3.11
CA ALA B 61 11.13 -1.71 -3.47
C ALA B 61 10.90 -1.67 -4.98
N LEU B 62 9.98 -2.51 -5.45
CA LEU B 62 9.59 -2.52 -6.84
C LEU B 62 8.70 -1.32 -7.17
N VAL B 63 8.53 -1.05 -8.45
CA VAL B 63 7.72 0.07 -8.89
C VAL B 63 6.54 -0.42 -9.73
N PRO B 64 5.43 0.34 -9.72
CA PRO B 64 4.26 -0.01 -10.53
C PRO B 64 4.53 0.12 -12.03
N GLN B 65 5.62 0.80 -12.40
CA GLN B 65 5.95 0.99 -13.80
C GLN B 65 6.53 -0.28 -14.43
N LEU B 66 6.73 -1.32 -13.63
CA LEU B 66 7.25 -2.58 -14.14
C LEU B 66 6.22 -3.29 -15.01
N GLY B 67 4.94 -2.95 -14.82
CA GLY B 67 3.87 -3.59 -15.56
C GLY B 67 3.65 -3.00 -16.94
N GLN B 68 4.50 -2.07 -17.33
CA GLN B 68 4.39 -1.43 -18.64
C GLN B 68 4.96 -2.31 -19.74
N LEU B 69 5.88 -3.21 -19.36
CA LEU B 69 6.55 -4.08 -20.32
C LEU B 69 5.58 -5.13 -20.87
N LYS B 70 4.93 -4.79 -21.98
CA LYS B 70 3.88 -5.63 -22.54
C LYS B 70 4.40 -6.96 -23.10
N ASN B 71 5.67 -7.00 -23.49
CA ASN B 71 6.24 -8.20 -24.09
C ASN B 71 7.20 -8.95 -23.16
N LEU B 72 7.21 -8.55 -21.90
CA LEU B 72 8.07 -9.20 -20.90
C LEU B 72 7.64 -10.65 -20.68
N GLN B 73 8.61 -11.57 -20.73
CA GLN B 73 8.31 -12.98 -20.58
C GLN B 73 8.95 -13.57 -19.33
N TYR B 74 10.09 -13.03 -18.93
CA TYR B 74 10.82 -13.52 -17.76
C TYR B 74 11.25 -12.38 -16.84
N LEU B 75 10.70 -12.37 -15.62
CA LEU B 75 11.12 -11.39 -14.63
C LEU B 75 11.94 -12.07 -13.53
N GLU B 76 13.25 -11.97 -13.65
CA GLU B 76 14.16 -12.61 -12.70
C GLU B 76 14.71 -11.60 -11.70
N LEU B 77 14.14 -11.60 -10.50
CA LEU B 77 14.58 -10.68 -9.45
C LEU B 77 14.95 -11.44 -8.19
N TYR B 78 15.26 -12.72 -8.35
CA TYR B 78 15.54 -13.59 -7.21
C TYR B 78 16.86 -13.25 -6.53
N SER B 79 16.98 -13.65 -5.27
CA SER B 79 18.20 -13.46 -4.48
C SER B 79 18.60 -11.99 -4.37
N ASN B 80 17.72 -11.18 -3.81
CA ASN B 80 18.02 -9.77 -3.54
C ASN B 80 17.42 -9.34 -2.21
N ASN B 81 17.54 -8.05 -1.90
CA ASN B 81 16.98 -7.49 -0.67
C ASN B 81 15.79 -6.60 -0.97
N ILE B 82 15.08 -6.91 -2.06
CA ILE B 82 13.93 -6.13 -2.47
C ILE B 82 12.80 -6.25 -1.45
N SER B 83 12.36 -5.11 -0.93
CA SER B 83 11.32 -5.08 0.10
C SER B 83 10.02 -4.48 -0.41
N GLY B 84 9.08 -4.26 0.50
CA GLY B 84 7.78 -3.72 0.14
C GLY B 84 6.87 -4.80 -0.40
N THR B 85 5.66 -4.40 -0.78
CA THR B 85 4.68 -5.34 -1.31
C THR B 85 4.88 -5.55 -2.82
N ILE B 86 4.41 -6.68 -3.32
CA ILE B 86 4.45 -6.94 -4.75
C ILE B 86 3.40 -6.09 -5.45
N PRO B 87 3.83 -5.26 -6.42
CA PRO B 87 2.94 -4.36 -7.15
C PRO B 87 1.82 -5.10 -7.87
N ASN B 88 0.60 -4.58 -7.77
CA ASN B 88 -0.54 -5.16 -8.47
C ASN B 88 -0.38 -5.02 -9.99
N GLU B 89 0.43 -4.05 -10.40
CA GLU B 89 0.64 -3.76 -11.81
C GLU B 89 1.43 -4.87 -12.50
N LEU B 90 2.01 -5.77 -11.72
CA LEU B 90 2.73 -6.92 -12.28
C LEU B 90 1.78 -7.90 -12.96
N GLY B 91 0.48 -7.71 -12.72
CA GLY B 91 -0.53 -8.51 -13.38
C GLY B 91 -0.85 -8.00 -14.77
N ASN B 92 -0.25 -6.89 -15.15
CA ASN B 92 -0.41 -6.33 -16.48
C ASN B 92 0.55 -6.97 -17.48
N LEU B 93 1.54 -7.68 -16.95
CA LEU B 93 2.51 -8.39 -17.79
C LEU B 93 1.86 -9.61 -18.44
N THR B 94 1.00 -9.35 -19.42
CA THR B 94 0.21 -10.38 -20.10
C THR B 94 1.07 -11.54 -20.64
N ASN B 95 2.20 -11.22 -21.26
CA ASN B 95 3.04 -12.23 -21.89
C ASN B 95 4.09 -12.81 -20.94
N LEU B 96 3.87 -12.69 -19.65
CA LEU B 96 4.83 -13.21 -18.66
C LEU B 96 4.73 -14.73 -18.57
N VAL B 97 5.88 -15.39 -18.59
CA VAL B 97 5.94 -16.85 -18.54
C VAL B 97 6.53 -17.32 -17.22
N SER B 98 7.51 -16.58 -16.72
CA SER B 98 8.17 -16.94 -15.46
C SER B 98 8.37 -15.72 -14.56
N LEU B 99 7.78 -15.80 -13.37
CA LEU B 99 7.92 -14.72 -12.39
C LEU B 99 8.73 -15.21 -11.20
N ASN B 100 10.00 -14.83 -11.17
CA ASN B 100 10.91 -15.25 -10.12
C ASN B 100 11.20 -14.14 -9.12
N LEU B 101 10.55 -14.22 -7.96
CA LEU B 101 10.71 -13.21 -6.92
C LEU B 101 11.17 -13.84 -5.61
N TYR B 102 11.75 -15.02 -5.69
CA TYR B 102 12.12 -15.74 -4.49
C TYR B 102 13.41 -15.19 -3.87
N LEU B 103 13.60 -15.47 -2.58
CA LEU B 103 14.73 -14.95 -1.81
C LEU B 103 14.78 -13.43 -1.83
N ASN B 104 13.74 -12.81 -1.28
CA ASN B 104 13.70 -11.37 -1.08
C ASN B 104 13.03 -11.05 0.26
N ASN B 105 12.56 -9.82 0.41
CA ASN B 105 11.86 -9.43 1.62
C ASN B 105 10.49 -8.83 1.32
N PHE B 106 9.79 -9.45 0.37
CA PHE B 106 8.45 -9.02 0.00
C PHE B 106 7.46 -9.29 1.12
N THR B 107 6.69 -8.26 1.47
CA THR B 107 5.67 -8.41 2.50
C THR B 107 4.29 -8.19 1.91
N GLY B 108 3.27 -8.21 2.76
CA GLY B 108 1.90 -8.02 2.31
C GLY B 108 1.32 -9.27 1.67
N PHE B 109 0.17 -9.10 1.03
CA PHE B 109 -0.51 -10.22 0.38
C PHE B 109 0.05 -10.49 -1.00
N ILE B 110 -0.30 -11.65 -1.56
CA ILE B 110 -0.01 -11.96 -2.95
C ILE B 110 -1.07 -11.30 -3.82
N PRO B 111 -0.65 -10.47 -4.78
CA PRO B 111 -1.57 -9.73 -5.65
C PRO B 111 -2.60 -10.61 -6.35
N GLU B 112 -3.86 -10.21 -6.29
CA GLU B 112 -4.92 -10.95 -6.94
C GLU B 112 -4.88 -10.77 -8.46
N THR B 113 -4.12 -9.77 -8.90
CA THR B 113 -4.01 -9.47 -10.32
C THR B 113 -3.06 -10.45 -11.02
N LEU B 114 -2.40 -11.30 -10.24
CA LEU B 114 -1.51 -12.31 -10.80
C LEU B 114 -2.30 -13.36 -11.59
N GLY B 115 -3.59 -13.47 -11.29
CA GLY B 115 -4.45 -14.41 -11.98
C GLY B 115 -4.75 -13.99 -13.40
N GLN B 116 -4.31 -12.78 -13.75
CA GLN B 116 -4.48 -12.26 -15.10
C GLN B 116 -3.33 -12.70 -15.99
N LEU B 117 -2.33 -13.35 -15.39
CA LEU B 117 -1.20 -13.88 -16.14
C LEU B 117 -1.54 -15.26 -16.68
N TYR B 118 -2.22 -15.29 -17.83
CA TYR B 118 -2.74 -16.53 -18.38
C TYR B 118 -1.69 -17.33 -19.15
N LYS B 119 -0.48 -16.78 -19.25
CA LYS B 119 0.61 -17.50 -19.91
C LYS B 119 1.66 -17.93 -18.89
N LEU B 120 1.45 -17.55 -17.64
CA LEU B 120 2.40 -17.87 -16.58
C LEU B 120 2.52 -19.36 -16.34
N ARG B 121 3.73 -19.88 -16.45
CA ARG B 121 3.99 -21.31 -16.26
C ARG B 121 4.81 -21.56 -15.01
N PHE B 122 5.55 -20.54 -14.57
CA PHE B 122 6.42 -20.67 -13.42
C PHE B 122 6.31 -19.47 -12.48
N LEU B 123 5.76 -19.71 -11.29
CA LEU B 123 5.60 -18.65 -10.29
C LEU B 123 6.34 -19.01 -9.01
N ARG B 124 7.37 -18.23 -8.70
CA ARG B 124 8.17 -18.49 -7.51
C ARG B 124 8.24 -17.27 -6.61
N LEU B 125 7.60 -17.38 -5.45
CA LEU B 125 7.54 -16.30 -4.47
C LEU B 125 8.09 -16.75 -3.13
N ASN B 126 8.77 -17.90 -3.14
CA ASN B 126 9.26 -18.51 -1.91
C ASN B 126 10.34 -17.68 -1.22
N ASN B 127 10.63 -18.02 0.03
CA ASN B 127 11.60 -17.29 0.85
C ASN B 127 11.33 -15.79 0.91
N ASN B 128 10.11 -15.44 1.30
CA ASN B 128 9.73 -14.04 1.52
C ASN B 128 8.94 -13.90 2.82
N SER B 129 8.15 -12.84 2.92
CA SER B 129 7.33 -12.60 4.10
C SER B 129 5.87 -12.36 3.71
N LEU B 130 5.44 -13.02 2.65
CA LEU B 130 4.07 -12.89 2.17
C LEU B 130 3.10 -13.58 3.12
N SER B 131 2.05 -12.87 3.51
CA SER B 131 1.05 -13.41 4.42
C SER B 131 -0.15 -13.95 3.66
N GLY B 132 -0.80 -14.96 4.24
CA GLY B 132 -1.95 -15.59 3.61
C GLY B 132 -3.13 -14.66 3.44
N SER B 133 -4.09 -15.07 2.61
CA SER B 133 -4.04 -16.36 1.94
C SER B 133 -3.61 -16.24 0.48
N ILE B 134 -3.69 -17.35 -0.23
CA ILE B 134 -3.41 -17.38 -1.66
C ILE B 134 -4.58 -16.80 -2.44
N PRO B 135 -4.31 -15.83 -3.33
CA PRO B 135 -5.37 -15.16 -4.10
C PRO B 135 -6.22 -16.14 -4.90
N LYS B 136 -7.54 -15.94 -4.85
CA LYS B 136 -8.48 -16.83 -5.50
C LYS B 136 -8.36 -16.82 -7.02
N SER B 137 -7.78 -15.75 -7.55
CA SER B 137 -7.67 -15.59 -9.00
C SER B 137 -6.61 -16.49 -9.62
N LEU B 138 -5.81 -17.15 -8.79
CA LEU B 138 -4.76 -18.05 -9.28
C LEU B 138 -5.33 -19.25 -10.01
N THR B 139 -6.61 -19.53 -9.81
CA THR B 139 -7.27 -20.64 -10.46
C THR B 139 -7.44 -20.39 -11.96
N ASN B 140 -7.20 -19.15 -12.39
CA ASN B 140 -7.33 -18.80 -13.80
C ASN B 140 -6.02 -19.00 -14.57
N ILE B 141 -4.93 -19.23 -13.85
CA ILE B 141 -3.65 -19.52 -14.49
C ILE B 141 -3.56 -21.01 -14.80
N THR B 142 -4.17 -21.41 -15.92
CA THR B 142 -4.25 -22.81 -16.29
C THR B 142 -2.93 -23.34 -16.83
N THR B 143 -2.06 -22.42 -17.27
CA THR B 143 -0.77 -22.80 -17.82
C THR B 143 0.29 -22.97 -16.73
N LEU B 144 -0.11 -22.75 -15.48
CA LEU B 144 0.81 -22.84 -14.34
C LEU B 144 1.33 -24.25 -14.15
N GLN B 145 2.65 -24.41 -14.22
CA GLN B 145 3.27 -25.72 -14.06
C GLN B 145 4.02 -25.84 -12.74
N GLU B 146 4.72 -24.77 -12.35
CA GLU B 146 5.48 -24.78 -11.11
C GLU B 146 5.07 -23.62 -10.21
N LEU B 147 4.66 -23.95 -8.98
CA LEU B 147 4.22 -22.94 -8.03
C LEU B 147 5.00 -23.03 -6.72
N ALA B 148 5.95 -22.11 -6.54
CA ALA B 148 6.77 -22.09 -5.35
C ALA B 148 6.30 -21.01 -4.38
N LEU B 149 5.82 -21.43 -3.21
CA LEU B 149 5.31 -20.49 -2.22
C LEU B 149 5.79 -20.83 -0.81
N ASP B 150 6.80 -21.70 -0.73
CA ASP B 150 7.33 -22.13 0.55
C ASP B 150 8.05 -20.99 1.27
N THR B 151 8.32 -21.19 2.56
CA THR B 151 9.04 -20.21 3.38
C THR B 151 8.39 -18.82 3.29
N ASN B 152 7.14 -18.74 3.69
CA ASN B 152 6.44 -17.46 3.79
C ASN B 152 5.60 -17.39 5.06
N GLN B 153 4.56 -16.58 5.04
CA GLN B 153 3.67 -16.45 6.18
C GLN B 153 2.23 -16.73 5.79
N LEU B 154 2.06 -17.60 4.80
CA LEU B 154 0.73 -17.98 4.32
C LEU B 154 -0.01 -18.79 5.38
N LYS B 155 -1.29 -18.47 5.57
CA LYS B 155 -2.09 -19.13 6.60
C LYS B 155 -3.13 -20.09 6.03
N SER B 156 -3.70 -19.75 4.88
CA SER B 156 -4.79 -20.55 4.34
C SER B 156 -4.87 -20.58 2.82
N VAL B 157 -5.88 -21.28 2.32
CA VAL B 157 -6.08 -21.49 0.89
C VAL B 157 -7.57 -21.56 0.57
N PRO B 158 -8.03 -20.79 -0.43
CA PRO B 158 -9.44 -20.82 -0.83
C PRO B 158 -9.81 -22.18 -1.46
N ASP B 159 -11.01 -22.66 -1.16
CA ASP B 159 -11.45 -23.98 -1.62
C ASP B 159 -11.46 -24.10 -3.15
N GLY B 160 -10.91 -25.21 -3.65
CA GLY B 160 -10.95 -25.52 -5.06
C GLY B 160 -10.06 -24.65 -5.94
N ILE B 161 -9.06 -24.03 -5.34
CA ILE B 161 -8.18 -23.12 -6.08
C ILE B 161 -7.21 -23.86 -7.00
N PHE B 162 -6.91 -25.12 -6.67
CA PHE B 162 -5.94 -25.89 -7.43
C PHE B 162 -6.60 -26.77 -8.49
N ASP B 163 -7.93 -26.77 -8.52
CA ASP B 163 -8.68 -27.69 -9.37
C ASP B 163 -8.61 -27.36 -10.85
N ARG B 164 -8.52 -26.07 -11.18
CA ARG B 164 -8.43 -25.65 -12.57
C ARG B 164 -6.99 -25.59 -13.04
N LEU B 165 -6.06 -25.92 -12.14
CA LEU B 165 -4.64 -25.95 -12.47
C LEU B 165 -4.27 -27.33 -12.99
N THR B 166 -4.73 -27.65 -14.19
CA THR B 166 -4.59 -28.99 -14.75
C THR B 166 -3.23 -29.24 -15.39
N SER B 167 -2.35 -28.25 -15.34
CA SER B 167 -1.00 -28.40 -15.88
C SER B 167 0.05 -28.33 -14.77
N LEU B 168 -0.43 -28.19 -13.54
CA LEU B 168 0.45 -28.08 -12.37
C LEU B 168 1.29 -29.33 -12.17
N GLN B 169 2.60 -29.17 -12.11
CA GLN B 169 3.52 -30.29 -11.93
C GLN B 169 4.12 -30.29 -10.53
N LYS B 170 4.75 -29.17 -10.16
CA LYS B 170 5.41 -29.06 -8.86
C LYS B 170 4.79 -27.92 -8.05
N ILE B 171 4.70 -28.11 -6.74
CA ILE B 171 4.18 -27.06 -5.86
C ILE B 171 4.84 -27.10 -4.49
N TRP B 172 5.33 -25.94 -4.05
CA TRP B 172 6.00 -25.80 -2.76
C TRP B 172 5.11 -25.03 -1.78
N LEU B 173 4.82 -25.64 -0.64
CA LEU B 173 3.97 -25.01 0.36
C LEU B 173 4.54 -25.08 1.77
N HIS B 174 5.65 -25.79 1.94
CA HIS B 174 6.22 -26.01 3.26
C HIS B 174 6.73 -24.72 3.89
N THR B 175 7.05 -24.79 5.19
CA THR B 175 7.51 -23.64 5.97
C THR B 175 6.52 -22.48 5.87
N ASN B 176 5.25 -22.78 6.15
CA ASN B 176 4.21 -21.77 6.21
C ASN B 176 3.29 -22.05 7.40
N PRO B 177 2.93 -21.00 8.15
CA PRO B 177 2.02 -21.14 9.29
C PRO B 177 0.61 -21.51 8.85
N TRP B 178 0.46 -22.69 8.27
CA TRP B 178 -0.84 -23.17 7.81
C TRP B 178 -1.81 -23.38 8.95
N ASP B 179 -2.93 -22.69 8.90
CA ASP B 179 -4.00 -22.86 9.89
C ASP B 179 -4.70 -24.19 9.67
N CYS B 180 -4.55 -25.11 10.61
CA CYS B 180 -5.11 -26.44 10.45
C CYS B 180 -6.42 -26.63 11.21
N SER B 181 -7.15 -25.53 11.42
CA SER B 181 -8.51 -25.62 11.92
C SER B 181 -9.31 -26.39 10.87
N CYS B 182 -9.98 -27.45 11.31
CA CYS B 182 -10.45 -28.49 10.40
C CYS B 182 -11.38 -28.04 9.27
N PRO B 183 -12.49 -27.34 9.57
CA PRO B 183 -13.42 -27.05 8.47
C PRO B 183 -12.80 -26.15 7.39
N ARG B 184 -11.71 -25.47 7.72
CA ARG B 184 -11.01 -24.62 6.76
C ARG B 184 -9.93 -25.41 6.00
N ILE B 185 -9.19 -26.24 6.73
CA ILE B 185 -8.06 -26.98 6.17
C ILE B 185 -8.51 -28.20 5.37
N ASP B 186 -9.82 -28.42 5.31
CA ASP B 186 -10.39 -29.60 4.65
C ASP B 186 -9.91 -29.79 3.22
N TYR B 187 -10.05 -28.77 2.39
CA TYR B 187 -9.70 -28.88 0.97
C TYR B 187 -8.20 -29.07 0.76
N LEU B 188 -7.39 -28.28 1.46
CA LEU B 188 -5.95 -28.32 1.30
C LEU B 188 -5.39 -29.66 1.77
N SER B 189 -5.89 -30.15 2.90
CA SER B 189 -5.43 -31.42 3.45
C SER B 189 -5.74 -32.57 2.50
N ARG B 190 -6.90 -32.49 1.85
CA ARG B 190 -7.33 -33.55 0.94
C ARG B 190 -6.65 -33.43 -0.42
N TRP B 191 -6.38 -32.20 -0.85
CA TRP B 191 -5.73 -31.99 -2.15
C TRP B 191 -4.27 -32.43 -2.10
N LEU B 192 -3.57 -32.04 -1.05
CA LEU B 192 -2.16 -32.38 -0.89
C LEU B 192 -1.94 -33.89 -0.82
N ASN B 193 -2.95 -34.60 -0.30
CA ASN B 193 -2.88 -36.05 -0.21
C ASN B 193 -3.14 -36.70 -1.56
N LYS B 194 -4.16 -36.21 -2.26
CA LYS B 194 -4.51 -36.72 -3.59
C LYS B 194 -3.47 -36.33 -4.62
N ASN B 195 -2.74 -35.25 -4.34
CA ASN B 195 -1.68 -34.78 -5.24
C ASN B 195 -0.33 -34.73 -4.54
N SER B 196 0.00 -35.82 -3.84
CA SER B 196 1.24 -35.90 -3.06
C SER B 196 2.47 -35.95 -3.96
N GLN B 197 2.27 -36.31 -5.23
CA GLN B 197 3.36 -36.37 -6.19
C GLN B 197 3.74 -34.98 -6.69
N LYS B 198 2.83 -34.03 -6.51
CA LYS B 198 3.06 -32.66 -6.95
C LYS B 198 3.79 -31.84 -5.89
N GLU B 199 3.45 -32.07 -4.63
CA GLU B 199 4.02 -31.29 -3.54
C GLU B 199 5.50 -31.60 -3.34
N GLN B 200 6.31 -30.55 -3.29
CA GLN B 200 7.74 -30.69 -3.02
C GLN B 200 8.00 -30.25 -1.59
N GLY B 201 8.41 -31.20 -0.74
CA GLY B 201 8.56 -30.95 0.68
C GLY B 201 7.25 -31.26 1.38
N SER B 202 7.17 -30.90 2.67
CA SER B 202 5.96 -31.18 3.44
C SER B 202 5.43 -29.94 4.13
N ALA B 203 4.28 -29.46 3.67
CA ALA B 203 3.57 -28.38 4.33
C ALA B 203 3.06 -28.86 5.68
N LYS B 204 3.38 -28.12 6.73
CA LYS B 204 3.03 -28.54 8.08
C LYS B 204 2.08 -27.57 8.77
N CYS B 205 1.23 -28.11 9.64
CA CYS B 205 0.27 -27.32 10.38
C CYS B 205 0.97 -26.44 11.42
N SER B 206 0.45 -25.23 11.61
CA SER B 206 0.99 -24.32 12.62
C SER B 206 0.73 -24.86 14.02
N GLY B 207 1.75 -24.84 14.87
CA GLY B 207 1.63 -25.30 16.23
C GLY B 207 1.70 -26.82 16.36
N SER B 208 0.84 -27.51 15.62
CA SER B 208 0.77 -28.96 15.65
C SER B 208 2.06 -29.61 15.15
N GLY B 209 2.54 -29.13 14.01
CA GLY B 209 3.73 -29.70 13.38
C GLY B 209 3.36 -30.84 12.44
N LYS B 210 2.09 -31.26 12.51
CA LYS B 210 1.59 -32.30 11.64
C LYS B 210 1.60 -31.84 10.19
N PRO B 211 1.96 -32.74 9.27
CA PRO B 211 1.85 -32.41 7.84
C PRO B 211 0.39 -32.21 7.46
N VAL B 212 0.12 -31.19 6.65
CA VAL B 212 -1.25 -30.83 6.28
C VAL B 212 -1.98 -32.00 5.63
N ARG B 213 -1.28 -32.76 4.81
CA ARG B 213 -1.90 -33.86 4.06
C ARG B 213 -2.38 -35.00 4.97
N SER B 214 -2.00 -34.96 6.24
CA SER B 214 -2.39 -36.03 7.17
C SER B 214 -3.67 -35.69 7.91
N ILE B 215 -4.09 -34.44 7.84
CA ILE B 215 -5.27 -33.98 8.55
C ILE B 215 -6.56 -34.54 7.95
N ILE B 216 -7.32 -35.25 8.78
CA ILE B 216 -8.63 -35.76 8.38
C ILE B 216 -9.71 -35.08 9.22
N CYS B 217 -10.57 -34.33 8.55
CA CYS B 217 -11.58 -33.54 9.27
C CYS B 217 -12.92 -34.24 9.33
N PRO B 218 -13.53 -34.26 10.52
CA PRO B 218 -14.83 -34.89 10.73
C PRO B 218 -15.97 -33.95 10.37
N THR B 219 -17.11 -34.52 9.96
CA THR B 219 -18.28 -33.74 9.61
C THR B 219 -18.98 -33.21 10.86
N SER B 220 -19.99 -33.94 11.32
CA SER B 220 -20.73 -33.60 12.54
C SER B 220 -21.49 -34.79 13.08
C1 NAG C . -10.86 7.99 -6.13
C2 NAG C . -11.38 7.91 -7.56
C3 NAG C . -10.51 6.97 -8.38
C4 NAG C . -9.04 7.38 -8.27
C5 NAG C . -8.65 7.50 -6.81
C6 NAG C . -7.23 8.00 -6.59
C7 NAG C . -13.78 8.31 -7.90
C8 NAG C . -15.15 7.73 -7.86
N2 NAG C . -12.78 7.49 -7.59
O3 NAG C . -10.93 6.99 -9.75
O4 NAG C . -8.22 6.43 -8.91
O5 NAG C . -9.52 8.42 -6.13
O6 NAG C . -6.79 7.69 -5.28
O7 NAG C . -13.57 9.49 -8.22
C1 NAG D . -2.05 -1.99 -14.74
C2 NAG D . -3.32 -1.71 -15.55
C3 NAG D . -4.25 -0.78 -14.77
C4 NAG D . -4.52 -1.33 -13.38
C5 NAG D . -3.19 -1.63 -12.68
C6 NAG D . -3.38 -2.29 -11.33
C7 NAG D . -3.02 -1.86 -17.98
C8 NAG D . -2.65 -1.12 -19.23
N2 NAG D . -2.99 -1.15 -16.85
O3 NAG D . -5.47 -0.62 -15.48
O4 NAG D . -5.27 -0.41 -12.61
O5 NAG D . -2.41 -2.52 -13.48
O6 NAG D . -3.87 -3.62 -11.47
O7 NAG D . -3.33 -3.04 -18.00
#